data_4ITY
#
_entry.id   4ITY
#
_cell.length_a   89.520
_cell.length_b   89.520
_cell.length_c   115.079
_cell.angle_alpha   90.00
_cell.angle_beta   90.00
_cell.angle_gamma   120.00
#
_symmetry.space_group_name_H-M   'H 3'
#
loop_
_entity.id
_entity.type
_entity.pdbx_description
1 polymer Arginase
2 non-polymer GLYCEROL
3 non-polymer 'MANGANESE (II) ION'
4 water water
#
_entity_poly.entity_id   1
_entity_poly.type   'polypeptide(L)'
_entity_poly.pdbx_seq_one_letter_code
;MRGSHHHHHHGMAKKMSIVLAPFSGGQPHSGVELGPDYLLKQGLQQDMEKLGWDTRLERVFDGKVVEARKASDNGDRIGR
VKRPRLTAECTEKIYKCVRRVAEQGRFPLTIGGDHSIALGTVAGVLSVHPDAGVIWVDAHADINTMSGTVSGNLHGCPLS
ILLGLDRENIPECFSWVPQVLKPNKIAYIGLRAVDDEEKKILHDLNIAAFSMHHVDRYGIDKVVSMAIEAVSPKGTEPVM
VSYDVDTIDPLYVPATGTPVRGGLSFREALFLCERIAECGRLVALDVVECNPLLAATESHVNDTISVGCAIARCMMGETL
LYTPHTSSKL
;
_entity_poly.pdbx_strand_id   A
#
# COMPACT_ATOMS: atom_id res chain seq x y z
N LYS A 14 -15.14 13.17 11.96
CA LYS A 14 -14.76 11.82 11.46
C LYS A 14 -15.37 11.52 10.09
N LYS A 15 -14.78 12.11 9.06
CA LYS A 15 -15.23 11.92 7.68
C LYS A 15 -14.24 11.03 6.95
N MET A 16 -14.77 10.04 6.23
CA MET A 16 -13.90 9.12 5.51
C MET A 16 -14.38 8.87 4.10
N SER A 17 -13.43 8.64 3.19
CA SER A 17 -13.75 8.34 1.81
C SER A 17 -13.05 7.02 1.50
N ILE A 18 -13.82 5.97 1.28
CA ILE A 18 -13.24 4.67 0.96
C ILE A 18 -12.93 4.66 -0.53
N VAL A 19 -11.67 4.91 -0.88
CA VAL A 19 -11.26 4.94 -2.27
C VAL A 19 -11.08 3.53 -2.88
N LEU A 20 -11.93 3.21 -3.85
CA LEU A 20 -11.89 1.91 -4.52
C LEU A 20 -10.94 1.94 -5.71
N ALA A 21 -9.84 1.21 -5.61
CA ALA A 21 -8.86 1.18 -6.67
C ALA A 21 -8.61 -0.24 -7.18
N PRO A 22 -9.57 -0.79 -7.96
CA PRO A 22 -9.45 -2.15 -8.52
C PRO A 22 -8.51 -2.17 -9.71
N PHE A 23 -7.20 -2.09 -9.43
CA PHE A 23 -6.19 -2.09 -10.47
C PHE A 23 -5.27 -3.30 -10.32
N SER A 24 -4.83 -3.86 -11.47
CA SER A 24 -3.94 -5.02 -11.47
C SER A 24 -2.83 -4.87 -12.50
N GLY A 25 -2.72 -3.68 -13.09
CA GLY A 25 -1.70 -3.43 -14.10
C GLY A 25 -0.26 -3.40 -13.63
N GLY A 26 -0.05 -3.31 -12.31
CA GLY A 26 1.31 -3.27 -11.80
C GLY A 26 1.89 -4.67 -11.62
N GLN A 27 1.16 -5.67 -12.08
CA GLN A 27 1.59 -7.05 -11.95
C GLN A 27 0.88 -7.96 -12.96
N PRO A 28 1.30 -9.22 -13.07
CA PRO A 28 0.73 -10.20 -14.00
C PRO A 28 -0.54 -10.99 -13.65
N HIS A 29 -0.82 -11.18 -12.36
CA HIS A 29 -2.01 -11.96 -11.97
C HIS A 29 -3.35 -11.22 -11.88
N SER A 30 -4.37 -11.77 -12.51
CA SER A 30 -5.70 -11.19 -12.46
C SER A 30 -6.34 -11.66 -11.16
N GLY A 31 -7.24 -10.85 -10.62
CA GLY A 31 -7.89 -11.22 -9.38
C GLY A 31 -7.67 -10.20 -8.30
N VAL A 32 -6.52 -9.54 -8.30
CA VAL A 32 -6.21 -8.54 -7.28
C VAL A 32 -7.15 -7.33 -7.35
N GLU A 33 -7.72 -7.08 -8.54
CA GLU A 33 -8.64 -5.97 -8.73
C GLU A 33 -10.01 -6.25 -8.10
N LEU A 34 -10.17 -7.46 -7.56
CA LEU A 34 -11.41 -7.87 -6.90
C LEU A 34 -11.37 -7.52 -5.41
N GLY A 35 -10.20 -7.13 -4.94
CA GLY A 35 -10.05 -6.78 -3.54
C GLY A 35 -11.12 -5.81 -3.05
N PRO A 36 -11.25 -4.62 -3.67
CA PRO A 36 -12.26 -3.64 -3.26
C PRO A 36 -13.63 -4.27 -3.06
N ASP A 37 -14.10 -4.96 -4.10
CA ASP A 37 -15.39 -5.63 -4.10
C ASP A 37 -15.51 -6.63 -2.96
N TYR A 38 -14.51 -7.51 -2.82
CA TYR A 38 -14.50 -8.50 -1.77
C TYR A 38 -14.51 -7.85 -0.38
N LEU A 39 -13.68 -6.83 -0.18
CA LEU A 39 -13.61 -6.14 1.10
C LEU A 39 -14.96 -5.53 1.48
N LEU A 40 -15.58 -4.83 0.52
CA LEU A 40 -16.88 -4.21 0.75
C LEU A 40 -17.95 -5.26 0.99
N LYS A 41 -17.73 -6.47 0.47
CA LYS A 41 -18.68 -7.56 0.65
C LYS A 41 -18.67 -8.00 2.11
N GLN A 42 -17.48 -8.08 2.68
CA GLN A 42 -17.33 -8.49 4.07
C GLN A 42 -17.82 -7.39 5.02
N GLY A 43 -18.30 -6.28 4.45
CA GLY A 43 -18.82 -5.20 5.26
C GLY A 43 -17.85 -4.09 5.67
N LEU A 44 -16.82 -3.87 4.87
CA LEU A 44 -15.86 -2.83 5.17
C LEU A 44 -16.50 -1.50 5.59
N GLN A 45 -17.44 -1.00 4.79
CA GLN A 45 -18.08 0.28 5.10
C GLN A 45 -18.90 0.26 6.38
N GLN A 46 -19.62 -0.84 6.64
CA GLN A 46 -20.42 -0.96 7.85
C GLN A 46 -19.51 -0.88 9.06
N ASP A 47 -18.37 -1.58 8.98
CA ASP A 47 -17.40 -1.57 10.08
C ASP A 47 -16.95 -0.14 10.35
N MET A 48 -16.62 0.58 9.28
CA MET A 48 -16.16 1.95 9.39
C MET A 48 -17.23 2.86 9.97
N GLU A 49 -18.46 2.74 9.49
CA GLU A 49 -19.53 3.57 10.03
C GLU A 49 -19.72 3.16 11.49
N LYS A 50 -19.67 1.85 11.74
CA LYS A 50 -19.83 1.31 13.07
C LYS A 50 -18.74 1.81 14.01
N LEU A 51 -17.63 2.27 13.43
CA LEU A 51 -16.52 2.79 14.22
C LEU A 51 -16.65 4.31 14.36
N GLY A 52 -17.78 4.85 13.91
CA GLY A 52 -18.01 6.27 14.02
C GLY A 52 -17.60 7.15 12.86
N TRP A 53 -17.25 6.55 11.73
CA TRP A 53 -16.84 7.34 10.57
C TRP A 53 -17.97 7.55 9.59
N ASP A 54 -18.12 8.79 9.13
CA ASP A 54 -19.11 9.14 8.13
C ASP A 54 -18.44 8.72 6.82
N THR A 55 -18.81 7.54 6.30
CA THR A 55 -18.18 7.04 5.10
C THR A 55 -18.85 7.35 3.79
N ARG A 56 -18.03 7.36 2.75
CA ARG A 56 -18.44 7.63 1.38
C ARG A 56 -17.54 6.82 0.46
N LEU A 57 -18.13 6.08 -0.46
CA LEU A 57 -17.36 5.27 -1.41
C LEU A 57 -16.92 6.13 -2.58
N GLU A 58 -15.68 5.94 -3.02
CA GLU A 58 -15.14 6.70 -4.14
C GLU A 58 -14.59 5.77 -5.20
N ARG A 59 -15.36 5.57 -6.28
CA ARG A 59 -14.91 4.72 -7.38
C ARG A 59 -14.16 5.63 -8.33
N VAL A 60 -12.94 5.24 -8.67
CA VAL A 60 -12.10 6.04 -9.54
C VAL A 60 -12.18 5.58 -11.00
N PHE A 61 -12.50 4.31 -11.20
CA PHE A 61 -12.63 3.76 -12.55
C PHE A 61 -13.25 2.37 -12.50
N ASP A 62 -13.74 1.90 -13.65
CA ASP A 62 -14.37 0.59 -13.78
C ASP A 62 -13.34 -0.54 -13.84
N GLY A 63 -13.29 -1.37 -12.81
CA GLY A 63 -12.33 -2.47 -12.79
C GLY A 63 -12.47 -3.46 -13.93
N LYS A 64 -13.68 -3.62 -14.44
CA LYS A 64 -13.95 -4.55 -15.54
C LYS A 64 -13.39 -4.03 -16.86
N VAL A 65 -13.60 -2.75 -17.10
CA VAL A 65 -13.10 -2.12 -18.31
C VAL A 65 -11.59 -2.18 -18.32
N VAL A 66 -10.98 -1.74 -17.23
CA VAL A 66 -9.53 -1.74 -17.10
C VAL A 66 -8.93 -3.13 -17.31
N GLU A 67 -9.52 -4.15 -16.70
CA GLU A 67 -9.02 -5.51 -16.88
C GLU A 67 -9.05 -5.86 -18.37
N ALA A 68 -10.10 -5.39 -19.04
CA ALA A 68 -10.30 -5.65 -20.47
C ALA A 68 -9.18 -5.04 -21.29
N ARG A 69 -8.95 -3.74 -21.12
CA ARG A 69 -7.90 -3.05 -21.86
C ARG A 69 -6.51 -3.55 -21.48
N LYS A 70 -6.38 -4.03 -20.25
CA LYS A 70 -5.08 -4.53 -19.78
C LYS A 70 -4.78 -5.87 -20.42
N ALA A 71 -5.70 -6.81 -20.25
CA ALA A 71 -5.56 -8.16 -20.77
C ALA A 71 -5.10 -8.17 -22.24
N SER A 72 -5.86 -7.49 -23.09
CA SER A 72 -5.55 -7.44 -24.51
C SER A 72 -4.16 -6.87 -24.86
N ASP A 73 -4.02 -5.56 -24.66
CA ASP A 73 -2.82 -4.78 -24.97
C ASP A 73 -1.46 -5.27 -24.43
N ASN A 74 -0.79 -6.15 -25.19
CA ASN A 74 0.53 -6.65 -24.79
C ASN A 74 1.60 -5.66 -25.21
N GLY A 75 1.24 -4.76 -26.14
CA GLY A 75 2.17 -3.78 -26.64
C GLY A 75 2.53 -2.66 -25.68
N ASP A 76 1.81 -2.59 -24.57
CA ASP A 76 2.05 -1.56 -23.55
C ASP A 76 3.30 -1.96 -22.75
N ARG A 77 4.47 -1.52 -23.23
CA ARG A 77 5.75 -1.82 -22.58
C ARG A 77 6.82 -0.84 -23.02
N ILE A 78 7.83 -0.68 -22.19
CA ILE A 78 8.95 0.18 -22.52
C ILE A 78 10.18 -0.55 -22.03
N GLY A 79 10.63 -1.50 -22.83
CA GLY A 79 11.78 -2.30 -22.46
C GLY A 79 11.32 -3.38 -21.49
N ARG A 80 11.88 -3.32 -20.28
CA ARG A 80 11.53 -4.28 -19.24
C ARG A 80 10.19 -3.94 -18.60
N VAL A 81 9.97 -2.65 -18.36
CA VAL A 81 8.74 -2.16 -17.75
C VAL A 81 7.48 -2.58 -18.52
N LYS A 82 6.53 -3.15 -17.78
CA LYS A 82 5.27 -3.60 -18.35
C LYS A 82 4.08 -2.71 -18.01
N ARG A 83 3.29 -2.39 -19.03
CA ARG A 83 2.10 -1.55 -18.89
C ARG A 83 2.32 -0.20 -18.22
N PRO A 84 3.35 0.54 -18.65
CA PRO A 84 3.59 1.86 -18.05
C PRO A 84 2.51 2.87 -18.43
N ARG A 85 1.92 2.70 -19.60
CA ARG A 85 0.87 3.61 -20.08
C ARG A 85 -0.41 3.42 -19.27
N LEU A 86 -0.85 2.18 -19.15
CA LEU A 86 -2.06 1.86 -18.41
C LEU A 86 -1.88 2.22 -16.93
N THR A 87 -0.72 1.84 -16.37
CA THR A 87 -0.43 2.12 -14.96
C THR A 87 -0.39 3.63 -14.70
N ALA A 88 0.27 4.37 -15.57
CA ALA A 88 0.39 5.81 -15.41
C ALA A 88 -0.96 6.52 -15.48
N GLU A 89 -1.84 6.01 -16.32
CA GLU A 89 -3.17 6.58 -16.50
C GLU A 89 -4.07 6.31 -15.30
N CYS A 90 -4.09 5.07 -14.84
CA CYS A 90 -4.92 4.72 -13.71
C CYS A 90 -4.43 5.32 -12.40
N THR A 91 -3.12 5.27 -12.15
CA THR A 91 -2.60 5.83 -10.91
C THR A 91 -2.77 7.35 -10.84
N GLU A 92 -2.89 8.00 -11.99
CA GLU A 92 -3.09 9.45 -12.01
C GLU A 92 -4.53 9.79 -11.58
N LYS A 93 -5.45 8.89 -11.88
CA LYS A 93 -6.86 9.05 -11.50
C LYS A 93 -6.99 8.89 -9.98
N ILE A 94 -6.24 7.93 -9.44
CA ILE A 94 -6.24 7.66 -8.01
C ILE A 94 -5.60 8.86 -7.30
N TYR A 95 -4.55 9.40 -7.89
CA TYR A 95 -3.87 10.57 -7.33
C TYR A 95 -4.89 11.69 -7.18
N LYS A 96 -5.55 12.01 -8.29
CA LYS A 96 -6.55 13.08 -8.31
C LYS A 96 -7.68 12.81 -7.31
N CYS A 97 -8.10 11.55 -7.19
CA CYS A 97 -9.16 11.24 -6.25
C CYS A 97 -8.68 11.32 -4.80
N VAL A 98 -7.49 10.79 -4.52
CA VAL A 98 -6.98 10.84 -3.17
C VAL A 98 -6.63 12.28 -2.79
N ARG A 99 -6.16 13.06 -3.75
CA ARG A 99 -5.82 14.47 -3.49
C ARG A 99 -7.08 15.26 -3.11
N ARG A 100 -8.15 15.02 -3.87
CA ARG A 100 -9.43 15.67 -3.66
C ARG A 100 -10.03 15.28 -2.30
N VAL A 101 -10.03 13.99 -2.01
CA VAL A 101 -10.56 13.45 -0.75
C VAL A 101 -9.89 14.11 0.46
N ALA A 102 -8.57 14.26 0.37
CA ALA A 102 -7.78 14.86 1.44
C ALA A 102 -8.03 16.36 1.54
N GLU A 103 -8.18 17.02 0.40
CA GLU A 103 -8.43 18.46 0.40
C GLU A 103 -9.75 18.75 1.09
N GLN A 104 -10.74 17.90 0.86
CA GLN A 104 -12.06 18.08 1.49
C GLN A 104 -11.95 17.81 3.00
N GLY A 105 -10.76 17.44 3.45
CA GLY A 105 -10.55 17.15 4.85
C GLY A 105 -11.05 15.77 5.29
N ARG A 106 -11.27 14.86 4.35
CA ARG A 106 -11.75 13.53 4.67
C ARG A 106 -10.57 12.55 4.69
N PHE A 107 -10.70 11.47 5.47
CA PHE A 107 -9.65 10.47 5.56
C PHE A 107 -9.75 9.49 4.38
N PRO A 108 -8.68 9.38 3.57
CA PRO A 108 -8.73 8.46 2.43
C PRO A 108 -8.26 7.05 2.75
N LEU A 109 -9.18 6.09 2.69
CA LEU A 109 -8.86 4.70 2.95
C LEU A 109 -8.94 4.05 1.56
N THR A 110 -7.79 3.73 0.99
CA THR A 110 -7.75 3.16 -0.34
C THR A 110 -7.58 1.64 -0.30
N ILE A 111 -8.45 0.93 -1.02
CA ILE A 111 -8.40 -0.52 -1.09
C ILE A 111 -8.00 -0.94 -2.50
N GLY A 112 -6.92 -1.71 -2.61
CA GLY A 112 -6.45 -2.17 -3.91
C GLY A 112 -6.94 -3.57 -4.20
N GLY A 113 -6.50 -4.16 -5.31
CA GLY A 113 -5.59 -3.51 -6.22
C GLY A 113 -4.16 -3.79 -5.82
N ASP A 114 -3.24 -3.84 -6.78
CA ASP A 114 -1.86 -4.12 -6.44
C ASP A 114 -1.20 -2.84 -5.91
N HIS A 115 0.01 -2.97 -5.38
CA HIS A 115 0.70 -1.83 -4.80
C HIS A 115 1.13 -0.67 -5.71
N SER A 116 0.97 -0.81 -7.02
CA SER A 116 1.34 0.26 -7.90
C SER A 116 0.43 1.46 -7.66
N ILE A 117 -0.72 1.21 -7.02
CA ILE A 117 -1.66 2.29 -6.75
C ILE A 117 -1.11 3.31 -5.77
N ALA A 118 -0.10 2.91 -4.98
CA ALA A 118 0.53 3.78 -4.00
C ALA A 118 1.13 5.01 -4.68
N LEU A 119 1.29 4.95 -6.00
CA LEU A 119 1.81 6.09 -6.75
C LEU A 119 0.84 7.25 -6.61
N GLY A 120 -0.44 6.93 -6.68
CA GLY A 120 -1.47 7.94 -6.55
C GLY A 120 -1.81 8.26 -5.12
N THR A 121 -1.85 7.23 -4.25
CA THR A 121 -2.20 7.48 -2.86
C THR A 121 -1.17 8.34 -2.14
N VAL A 122 0.08 7.92 -2.18
CA VAL A 122 1.15 8.68 -1.53
C VAL A 122 1.25 10.08 -2.11
N ALA A 123 1.20 10.17 -3.44
CA ALA A 123 1.29 11.47 -4.12
C ALA A 123 0.10 12.36 -3.70
N GLY A 124 -1.09 11.77 -3.69
CA GLY A 124 -2.27 12.51 -3.30
C GLY A 124 -2.23 12.99 -1.86
N VAL A 125 -1.91 12.10 -0.92
CA VAL A 125 -1.85 12.48 0.49
C VAL A 125 -0.74 13.49 0.82
N LEU A 126 0.45 13.25 0.29
CA LEU A 126 1.59 14.14 0.53
C LEU A 126 1.48 15.50 -0.12
N SER A 127 0.69 15.61 -1.18
CA SER A 127 0.55 16.90 -1.83
C SER A 127 -0.43 17.75 -1.02
N VAL A 128 -1.06 17.15 -0.02
CA VAL A 128 -1.99 17.86 0.85
C VAL A 128 -1.38 18.00 2.24
N HIS A 129 -0.67 16.97 2.67
CA HIS A 129 0.00 16.95 3.97
C HIS A 129 1.47 16.73 3.64
N PRO A 130 2.14 17.78 3.13
CA PRO A 130 3.55 17.76 2.72
C PRO A 130 4.57 17.18 3.70
N ASP A 131 4.27 17.24 4.99
CA ASP A 131 5.20 16.72 5.99
C ASP A 131 4.76 15.38 6.55
N ALA A 132 3.85 14.71 5.83
CA ALA A 132 3.34 13.41 6.26
C ALA A 132 4.39 12.31 6.10
N GLY A 133 4.52 11.48 7.13
CA GLY A 133 5.46 10.39 7.06
C GLY A 133 4.76 9.23 6.40
N VAL A 134 5.52 8.31 5.83
CA VAL A 134 4.95 7.14 5.17
C VAL A 134 5.52 5.85 5.73
N ILE A 135 4.66 5.02 6.32
CA ILE A 135 5.11 3.74 6.86
C ILE A 135 4.65 2.65 5.88
N TRP A 136 5.62 2.05 5.20
CA TRP A 136 5.39 1.04 4.19
C TRP A 136 5.49 -0.35 4.81
N VAL A 137 4.35 -0.99 5.05
CA VAL A 137 4.33 -2.32 5.65
C VAL A 137 4.32 -3.33 4.52
N ASP A 138 5.46 -3.99 4.32
CA ASP A 138 5.61 -4.90 3.19
C ASP A 138 6.79 -5.85 3.40
N ALA A 139 6.73 -7.01 2.77
CA ALA A 139 7.83 -7.97 2.85
C ALA A 139 8.87 -7.51 1.83
N HIS A 140 8.42 -6.70 0.88
CA HIS A 140 9.27 -6.18 -0.19
C HIS A 140 9.49 -4.67 -0.07
N ALA A 141 10.56 -4.18 -0.68
CA ALA A 141 10.91 -2.76 -0.65
C ALA A 141 10.15 -1.95 -1.71
N ASP A 142 9.66 -2.63 -2.75
CA ASP A 142 8.91 -1.99 -3.83
C ASP A 142 9.60 -0.73 -4.35
N ILE A 143 10.93 -0.80 -4.46
CA ILE A 143 11.69 0.36 -4.86
C ILE A 143 12.60 0.12 -6.06
N ASN A 144 12.32 -0.95 -6.82
CA ASN A 144 13.08 -1.26 -8.03
C ASN A 144 12.98 -0.08 -8.99
N THR A 145 14.09 0.29 -9.60
CA THR A 145 14.07 1.39 -10.55
C THR A 145 13.63 0.83 -11.89
N MET A 146 13.32 1.71 -12.83
CA MET A 146 12.88 1.30 -14.16
C MET A 146 13.95 0.41 -14.83
N SER A 147 15.20 0.84 -14.75
CA SER A 147 16.34 0.11 -15.33
C SER A 147 16.66 -1.12 -14.51
N GLY A 148 16.41 -1.02 -13.21
CA GLY A 148 16.69 -2.12 -12.31
C GLY A 148 15.70 -3.26 -12.30
N THR A 149 14.40 -2.96 -12.33
CA THR A 149 13.39 -3.99 -12.30
C THR A 149 13.64 -5.09 -13.32
N VAL A 150 13.77 -6.32 -12.83
CA VAL A 150 14.02 -7.46 -13.69
C VAL A 150 12.69 -7.92 -14.32
N SER A 151 11.69 -8.15 -13.47
CA SER A 151 10.37 -8.60 -13.91
C SER A 151 9.57 -7.52 -14.67
N GLY A 152 9.91 -6.26 -14.44
CA GLY A 152 9.20 -5.18 -15.11
C GLY A 152 7.82 -4.90 -14.56
N ASN A 153 7.44 -5.57 -13.46
CA ASN A 153 6.14 -5.37 -12.84
C ASN A 153 6.18 -4.10 -11.98
N LEU A 154 5.33 -3.14 -12.31
CA LEU A 154 5.33 -1.88 -11.60
C LEU A 154 4.85 -1.87 -10.15
N HIS A 155 4.24 -2.95 -9.66
CA HIS A 155 3.81 -2.93 -8.27
C HIS A 155 5.04 -3.09 -7.36
N GLY A 156 6.19 -3.32 -7.97
CA GLY A 156 7.43 -3.44 -7.23
C GLY A 156 8.32 -2.23 -7.49
N CYS A 157 7.75 -1.17 -8.08
CA CYS A 157 8.49 0.05 -8.41
C CYS A 157 7.92 1.39 -7.91
N PRO A 158 6.74 1.40 -7.25
CA PRO A 158 6.19 2.69 -6.78
C PRO A 158 7.14 3.67 -6.10
N LEU A 159 7.85 3.21 -5.08
CA LEU A 159 8.75 4.09 -4.34
C LEU A 159 9.92 4.66 -5.12
N SER A 160 10.37 3.98 -6.16
CA SER A 160 11.46 4.52 -6.95
C SER A 160 10.94 5.75 -7.71
N ILE A 161 9.76 5.60 -8.31
CA ILE A 161 9.12 6.69 -9.06
C ILE A 161 8.72 7.84 -8.13
N LEU A 162 8.20 7.51 -6.95
CA LEU A 162 7.80 8.55 -6.00
C LEU A 162 9.00 9.36 -5.52
N LEU A 163 10.12 8.69 -5.29
CA LEU A 163 11.35 9.33 -4.82
C LEU A 163 12.08 9.96 -5.99
N GLY A 164 11.57 9.71 -7.20
CA GLY A 164 12.20 10.26 -8.39
C GLY A 164 13.56 9.67 -8.68
N LEU A 165 13.67 8.34 -8.55
CA LEU A 165 14.93 7.66 -8.80
C LEU A 165 15.02 7.22 -10.25
N ASP A 166 16.24 7.16 -10.76
CA ASP A 166 16.49 6.77 -12.14
C ASP A 166 15.67 7.68 -13.03
N ARG A 167 15.58 8.94 -12.61
CA ARG A 167 14.82 9.95 -13.33
C ARG A 167 14.82 9.75 -14.84
N GLU A 168 16.00 9.90 -15.42
CA GLU A 168 16.20 9.77 -16.86
C GLU A 168 15.50 8.59 -17.54
N ASN A 169 15.16 7.54 -16.81
CA ASN A 169 14.52 6.38 -17.44
C ASN A 169 13.05 6.15 -17.10
N ILE A 170 12.45 7.09 -16.38
CA ILE A 170 11.04 6.97 -16.04
C ILE A 170 10.26 7.54 -17.24
N PRO A 171 9.35 6.74 -17.81
CA PRO A 171 8.56 7.18 -18.97
C PRO A 171 7.93 8.55 -18.71
N GLU A 172 7.76 9.33 -19.78
CA GLU A 172 7.17 10.65 -19.61
C GLU A 172 5.70 10.56 -19.23
N CYS A 173 5.08 9.39 -19.41
CA CYS A 173 3.67 9.26 -19.05
C CYS A 173 3.48 9.29 -17.52
N PHE A 174 4.58 9.48 -16.79
CA PHE A 174 4.56 9.58 -15.33
C PHE A 174 4.97 10.99 -14.93
N SER A 175 5.02 11.89 -15.92
CA SER A 175 5.41 13.28 -15.70
C SER A 175 4.49 14.00 -14.73
N TRP A 176 3.32 13.40 -14.50
CA TRP A 176 2.34 13.99 -13.59
C TRP A 176 2.66 13.74 -12.13
N VAL A 177 3.52 12.75 -11.87
CA VAL A 177 3.87 12.42 -10.49
C VAL A 177 4.62 13.54 -9.79
N PRO A 178 4.02 14.12 -8.73
CA PRO A 178 4.67 15.20 -8.00
C PRO A 178 5.83 14.66 -7.17
N GLN A 179 6.93 15.40 -7.10
CA GLN A 179 8.09 14.97 -6.34
C GLN A 179 7.94 15.43 -4.90
N VAL A 180 7.06 14.75 -4.17
CA VAL A 180 6.78 15.12 -2.79
C VAL A 180 7.35 14.19 -1.70
N LEU A 181 7.81 13.00 -2.08
CA LEU A 181 8.36 12.08 -1.08
C LEU A 181 9.87 12.10 -1.00
N LYS A 182 10.39 12.35 0.20
CA LYS A 182 11.83 12.38 0.44
C LYS A 182 12.15 11.10 1.21
N PRO A 183 13.34 10.51 0.99
CA PRO A 183 13.78 9.28 1.65
C PRO A 183 13.72 9.24 3.18
N ASN A 184 13.86 10.39 3.82
CA ASN A 184 13.83 10.48 5.27
C ASN A 184 12.38 10.47 5.80
N LYS A 185 11.43 10.28 4.90
CA LYS A 185 10.02 10.26 5.31
C LYS A 185 9.39 8.90 5.01
N ILE A 186 10.23 7.90 4.72
CA ILE A 186 9.77 6.54 4.45
C ILE A 186 10.37 5.59 5.46
N ALA A 187 9.56 4.68 5.99
CA ALA A 187 10.05 3.70 6.95
C ALA A 187 9.38 2.37 6.62
N TYR A 188 10.19 1.33 6.46
CA TYR A 188 9.67 0.01 6.14
C TYR A 188 9.48 -0.88 7.37
N ILE A 189 8.52 -1.79 7.28
CA ILE A 189 8.27 -2.72 8.38
C ILE A 189 7.93 -4.10 7.83
N GLY A 190 8.71 -5.09 8.26
CA GLY A 190 8.45 -6.46 7.84
C GLY A 190 9.25 -6.98 6.66
N LEU A 191 10.24 -6.21 6.22
CA LEU A 191 11.07 -6.57 5.07
C LEU A 191 11.79 -7.92 5.20
N ARG A 192 11.78 -8.68 4.12
CA ARG A 192 12.44 -9.99 4.11
C ARG A 192 12.70 -10.51 2.70
N ALA A 193 12.28 -9.79 1.68
CA ALA A 193 12.53 -10.22 0.31
C ALA A 193 12.99 -9.04 -0.52
N VAL A 194 14.10 -8.45 -0.10
CA VAL A 194 14.70 -7.29 -0.76
C VAL A 194 15.80 -7.79 -1.69
N ASP A 195 15.79 -7.34 -2.94
CA ASP A 195 16.82 -7.78 -3.88
C ASP A 195 18.06 -6.91 -3.77
N ASP A 196 19.13 -7.33 -4.42
CA ASP A 196 20.40 -6.62 -4.36
C ASP A 196 20.35 -5.15 -4.73
N GLU A 197 19.63 -4.81 -5.79
CA GLU A 197 19.54 -3.40 -6.17
C GLU A 197 18.90 -2.59 -5.05
N GLU A 198 17.77 -3.10 -4.54
CA GLU A 198 17.04 -2.43 -3.47
C GLU A 198 17.83 -2.33 -2.17
N LYS A 199 18.68 -3.32 -1.90
CA LYS A 199 19.47 -3.28 -0.68
C LYS A 199 20.42 -2.10 -0.74
N LYS A 200 21.06 -1.92 -1.90
CA LYS A 200 22.01 -0.82 -2.10
C LYS A 200 21.30 0.53 -1.97
N ILE A 201 20.12 0.63 -2.57
CA ILE A 201 19.33 1.86 -2.55
C ILE A 201 18.96 2.30 -1.15
N LEU A 202 18.40 1.38 -0.37
CA LEU A 202 18.00 1.68 0.99
C LEU A 202 19.22 2.14 1.76
N HIS A 203 20.35 1.48 1.50
CA HIS A 203 21.59 1.81 2.19
C HIS A 203 22.18 3.15 1.77
N ASP A 204 22.25 3.40 0.46
CA ASP A 204 22.80 4.66 -0.02
C ASP A 204 21.90 5.85 0.34
N LEU A 205 20.58 5.63 0.38
CA LEU A 205 19.64 6.69 0.70
C LEU A 205 19.33 6.79 2.18
N ASN A 206 19.91 5.89 2.96
CA ASN A 206 19.70 5.85 4.39
C ASN A 206 18.21 5.84 4.77
N ILE A 207 17.45 4.97 4.12
CA ILE A 207 16.02 4.84 4.38
C ILE A 207 15.78 3.92 5.57
N ALA A 208 15.02 4.40 6.56
CA ALA A 208 14.72 3.62 7.75
C ALA A 208 13.93 2.36 7.37
N ALA A 209 14.59 1.20 7.44
CA ALA A 209 13.98 -0.06 7.08
C ALA A 209 14.06 -1.06 8.22
N PHE A 210 12.92 -1.61 8.63
CA PHE A 210 12.92 -2.59 9.70
C PHE A 210 12.48 -3.94 9.15
N SER A 211 13.46 -4.83 8.98
CA SER A 211 13.21 -6.17 8.45
C SER A 211 12.65 -7.11 9.51
N MET A 212 12.33 -8.34 9.11
CA MET A 212 11.80 -9.30 10.06
C MET A 212 12.86 -9.54 11.12
N HIS A 213 14.12 -9.25 10.78
CA HIS A 213 15.22 -9.41 11.72
C HIS A 213 14.99 -8.51 12.94
N HIS A 214 14.60 -7.27 12.71
CA HIS A 214 14.36 -6.33 13.80
C HIS A 214 13.15 -6.72 14.61
N VAL A 215 12.13 -7.23 13.94
CA VAL A 215 10.92 -7.66 14.62
C VAL A 215 11.32 -8.81 15.55
N ASP A 216 12.00 -9.81 15.00
CA ASP A 216 12.45 -10.95 15.80
C ASP A 216 13.39 -10.51 16.92
N ARG A 217 14.16 -9.47 16.66
CA ARG A 217 15.13 -9.01 17.63
C ARG A 217 14.59 -8.09 18.70
N TYR A 218 13.78 -7.11 18.30
CA TYR A 218 13.23 -6.15 19.25
C TYR A 218 11.74 -6.33 19.57
N GLY A 219 11.03 -7.06 18.73
CA GLY A 219 9.62 -7.25 18.95
C GLY A 219 8.87 -6.19 18.16
N ILE A 220 7.64 -6.49 17.74
CA ILE A 220 6.85 -5.56 16.94
C ILE A 220 6.55 -4.23 17.63
N ASP A 221 6.39 -4.23 18.94
CA ASP A 221 6.10 -2.97 19.63
C ASP A 221 7.22 -1.97 19.46
N LYS A 222 8.45 -2.42 19.70
CA LYS A 222 9.61 -1.56 19.57
C LYS A 222 9.83 -1.11 18.11
N VAL A 223 9.62 -2.02 17.16
CA VAL A 223 9.79 -1.69 15.75
C VAL A 223 8.83 -0.58 15.31
N VAL A 224 7.55 -0.71 15.66
CA VAL A 224 6.55 0.30 15.28
C VAL A 224 6.97 1.66 15.84
N SER A 225 7.36 1.68 17.11
CA SER A 225 7.78 2.90 17.74
C SER A 225 8.94 3.51 16.97
N MET A 226 9.90 2.68 16.60
CA MET A 226 11.05 3.15 15.86
C MET A 226 10.68 3.69 14.49
N ALA A 227 9.72 3.04 13.85
CA ALA A 227 9.24 3.44 12.52
C ALA A 227 8.52 4.79 12.54
N ILE A 228 7.63 4.96 13.52
CA ILE A 228 6.88 6.20 13.67
C ILE A 228 7.83 7.36 13.98
N GLU A 229 8.86 7.09 14.78
CA GLU A 229 9.83 8.12 15.15
C GLU A 229 10.63 8.56 13.92
N ALA A 230 11.10 7.57 13.16
CA ALA A 230 11.90 7.79 11.97
C ALA A 230 11.35 8.80 10.97
N VAL A 231 10.04 8.80 10.77
CA VAL A 231 9.43 9.71 9.82
C VAL A 231 8.75 10.90 10.50
N SER A 232 8.89 10.98 11.83
CA SER A 232 8.29 12.05 12.60
C SER A 232 9.31 12.90 13.37
N PRO A 233 10.00 13.82 12.68
CA PRO A 233 11.01 14.70 13.31
C PRO A 233 10.42 15.39 14.54
N LYS A 234 9.61 16.42 14.31
CA LYS A 234 8.97 17.16 15.39
C LYS A 234 8.04 16.27 16.20
N GLY A 235 8.02 14.99 15.86
CA GLY A 235 7.18 14.03 16.57
C GLY A 235 5.70 14.39 16.56
N THR A 236 5.29 15.20 15.59
CA THR A 236 3.89 15.62 15.51
C THR A 236 3.36 15.62 14.08
N GLU A 237 4.15 15.08 13.15
CA GLU A 237 3.76 15.04 11.75
C GLU A 237 2.68 14.00 11.46
N PRO A 238 1.90 14.22 10.39
CA PRO A 238 0.84 13.24 10.06
C PRO A 238 1.53 11.95 9.60
N VAL A 239 0.83 10.83 9.73
CA VAL A 239 1.40 9.56 9.31
C VAL A 239 0.45 8.83 8.39
N MET A 240 1.03 8.26 7.34
CA MET A 240 0.27 7.50 6.37
C MET A 240 0.82 6.09 6.34
N VAL A 241 -0.06 5.11 6.17
CA VAL A 241 0.40 3.75 6.10
C VAL A 241 -0.09 3.09 4.82
N SER A 242 0.85 2.47 4.09
CA SER A 242 0.50 1.77 2.86
C SER A 242 0.77 0.32 3.27
N TYR A 243 -0.31 -0.43 3.47
CA TYR A 243 -0.22 -1.81 3.94
C TYR A 243 -0.34 -2.89 2.87
N ASP A 244 0.78 -3.56 2.58
CA ASP A 244 0.80 -4.66 1.62
C ASP A 244 0.53 -5.90 2.48
N VAL A 245 -0.55 -6.63 2.19
CA VAL A 245 -0.88 -7.81 2.97
C VAL A 245 0.13 -8.96 2.94
N ASP A 246 1.01 -9.00 1.93
CA ASP A 246 1.98 -10.08 1.88
C ASP A 246 3.09 -9.90 2.91
N THR A 247 2.92 -8.92 3.80
CA THR A 247 3.88 -8.65 4.87
C THR A 247 3.58 -9.71 5.92
N ILE A 248 2.33 -10.17 5.94
CA ILE A 248 1.84 -11.16 6.87
C ILE A 248 2.18 -12.54 6.31
N ASP A 249 2.61 -13.43 7.20
CA ASP A 249 2.98 -14.78 6.78
C ASP A 249 1.89 -15.46 5.98
N PRO A 250 2.26 -16.14 4.88
CA PRO A 250 1.31 -16.84 4.00
C PRO A 250 0.36 -17.75 4.79
N LEU A 251 0.80 -18.20 5.95
CA LEU A 251 -0.01 -19.05 6.79
C LEU A 251 -1.37 -18.40 7.00
N TYR A 252 -1.36 -17.10 7.25
CA TYR A 252 -2.57 -16.33 7.49
C TYR A 252 -3.11 -15.58 6.26
N VAL A 253 -2.20 -15.13 5.40
CA VAL A 253 -2.58 -14.41 4.18
C VAL A 253 -2.10 -15.18 2.97
N PRO A 254 -2.81 -16.26 2.62
CA PRO A 254 -2.51 -17.13 1.49
C PRO A 254 -2.78 -16.54 0.10
N ALA A 255 -4.00 -16.04 -0.12
CA ALA A 255 -4.38 -15.48 -1.41
C ALA A 255 -3.71 -14.14 -1.72
N THR A 256 -2.49 -14.19 -2.23
CA THR A 256 -1.73 -12.99 -2.59
C THR A 256 -0.68 -13.33 -3.66
N GLY A 257 -0.41 -12.35 -4.54
CA GLY A 257 0.53 -12.55 -5.64
C GLY A 257 1.99 -12.90 -5.38
N THR A 258 2.61 -12.28 -4.37
CA THR A 258 4.02 -12.55 -4.06
C THR A 258 4.25 -12.94 -2.60
N PRO A 259 3.85 -14.16 -2.22
CA PRO A 259 4.04 -14.60 -0.84
C PRO A 259 5.51 -14.83 -0.49
N VAL A 260 5.86 -14.60 0.77
CA VAL A 260 7.21 -14.82 1.27
C VAL A 260 7.13 -15.37 2.70
N ARG A 261 7.69 -16.55 2.91
CA ARG A 261 7.69 -17.25 4.20
C ARG A 261 8.41 -16.48 5.30
N GLY A 262 7.97 -16.66 6.54
CA GLY A 262 8.59 -15.98 7.67
C GLY A 262 8.09 -14.56 7.91
N GLY A 263 6.79 -14.36 7.78
CA GLY A 263 6.24 -13.03 7.97
C GLY A 263 5.64 -12.76 9.34
N LEU A 264 4.89 -11.65 9.42
CA LEU A 264 4.24 -11.25 10.66
C LEU A 264 3.13 -12.25 10.96
N SER A 265 2.94 -12.53 12.24
CA SER A 265 1.88 -13.43 12.64
C SER A 265 0.61 -12.62 12.53
N PHE A 266 -0.54 -13.27 12.61
CA PHE A 266 -1.80 -12.56 12.55
C PHE A 266 -1.83 -11.49 13.65
N ARG A 267 -1.37 -11.89 14.84
CA ARG A 267 -1.36 -10.97 15.99
C ARG A 267 -0.52 -9.72 15.78
N GLU A 268 0.69 -9.90 15.23
CA GLU A 268 1.58 -8.77 14.96
C GLU A 268 1.01 -7.87 13.86
N ALA A 269 0.35 -8.48 12.89
CA ALA A 269 -0.23 -7.73 11.79
C ALA A 269 -1.27 -6.72 12.30
N LEU A 270 -2.03 -7.12 13.31
CA LEU A 270 -3.08 -6.25 13.87
C LEU A 270 -2.58 -5.41 15.04
N PHE A 271 -1.58 -5.88 15.77
CA PHE A 271 -1.05 -5.10 16.89
C PHE A 271 -0.42 -3.83 16.32
N LEU A 272 0.29 -3.99 15.20
CA LEU A 272 0.93 -2.88 14.51
C LEU A 272 -0.12 -1.79 14.25
N CYS A 273 -1.28 -2.22 13.74
CA CYS A 273 -2.39 -1.32 13.44
C CYS A 273 -2.89 -0.59 14.68
N GLU A 274 -2.99 -1.33 15.79
CA GLU A 274 -3.45 -0.75 17.03
C GLU A 274 -2.49 0.32 17.52
N ARG A 275 -1.18 0.08 17.37
CA ARG A 275 -0.19 1.06 17.80
C ARG A 275 -0.27 2.34 16.98
N ILE A 276 -0.49 2.18 15.68
CA ILE A 276 -0.62 3.35 14.79
C ILE A 276 -1.91 4.09 15.15
N ALA A 277 -2.99 3.35 15.34
CA ALA A 277 -4.28 3.95 15.70
C ALA A 277 -4.05 4.74 16.98
N GLU A 278 -3.44 4.07 17.96
CA GLU A 278 -3.14 4.68 19.25
C GLU A 278 -2.38 5.98 19.07
N CYS A 279 -1.47 5.99 18.10
CA CYS A 279 -0.66 7.16 17.78
C CYS A 279 -1.53 8.42 17.65
N GLY A 280 -2.65 8.30 16.93
CA GLY A 280 -3.54 9.43 16.76
C GLY A 280 -3.24 10.35 15.58
N ARG A 281 -2.21 10.06 14.82
CA ARG A 281 -1.85 10.91 13.68
C ARG A 281 -2.01 10.25 12.30
N LEU A 282 -2.61 9.06 12.22
CA LEU A 282 -2.79 8.41 10.94
C LEU A 282 -3.67 9.30 10.08
N VAL A 283 -3.19 9.65 8.90
CA VAL A 283 -3.95 10.53 8.01
C VAL A 283 -4.45 9.81 6.75
N ALA A 284 -3.94 8.62 6.49
CA ALA A 284 -4.35 7.86 5.32
C ALA A 284 -3.91 6.40 5.44
N LEU A 285 -4.57 5.51 4.71
CA LEU A 285 -4.23 4.10 4.74
C LEU A 285 -4.55 3.41 3.42
N ASP A 286 -3.63 2.56 2.95
CA ASP A 286 -3.84 1.78 1.73
C ASP A 286 -3.78 0.34 2.20
N VAL A 287 -4.66 -0.51 1.69
CA VAL A 287 -4.62 -1.92 2.02
C VAL A 287 -4.58 -2.56 0.64
N VAL A 288 -3.45 -3.17 0.30
CA VAL A 288 -3.28 -3.74 -1.03
C VAL A 288 -2.82 -5.19 -1.14
N GLU A 289 -2.88 -5.68 -2.38
CA GLU A 289 -2.45 -7.03 -2.76
C GLU A 289 -3.35 -8.21 -2.38
N CYS A 290 -4.65 -7.98 -2.20
CA CYS A 290 -5.57 -9.06 -1.90
C CYS A 290 -6.09 -9.64 -3.20
N ASN A 291 -5.65 -10.85 -3.56
CA ASN A 291 -6.10 -11.49 -4.79
C ASN A 291 -6.89 -12.76 -4.48
N PRO A 292 -8.23 -12.64 -4.36
CA PRO A 292 -9.12 -13.77 -4.06
C PRO A 292 -8.99 -14.92 -5.05
N LEU A 293 -8.63 -14.60 -6.27
CA LEU A 293 -8.49 -15.64 -7.28
C LEU A 293 -7.21 -16.44 -7.14
N LEU A 294 -6.45 -16.20 -6.06
CA LEU A 294 -5.21 -16.92 -5.82
C LEU A 294 -5.29 -17.75 -4.54
N ALA A 295 -6.35 -18.55 -4.44
CA ALA A 295 -6.56 -19.40 -3.28
C ALA A 295 -7.12 -20.76 -3.70
N ALA A 296 -6.78 -21.80 -2.94
CA ALA A 296 -7.26 -23.15 -3.23
C ALA A 296 -8.67 -23.33 -2.69
N THR A 297 -8.81 -23.24 -1.38
CA THR A 297 -10.10 -23.36 -0.72
C THR A 297 -10.73 -21.98 -0.62
N GLU A 298 -12.05 -21.91 -0.60
CA GLU A 298 -12.71 -20.61 -0.48
C GLU A 298 -12.48 -20.17 0.94
N SER A 299 -11.65 -20.92 1.64
CA SER A 299 -11.31 -20.64 3.03
C SER A 299 -10.09 -19.71 3.03
N HIS A 300 -9.18 -19.95 2.09
CA HIS A 300 -7.99 -19.12 1.97
C HIS A 300 -8.45 -17.70 1.67
N VAL A 301 -9.46 -17.60 0.80
CA VAL A 301 -10.04 -16.32 0.40
C VAL A 301 -10.63 -15.57 1.59
N ASN A 302 -11.35 -16.27 2.45
CA ASN A 302 -11.95 -15.66 3.62
C ASN A 302 -10.91 -15.27 4.65
N ASP A 303 -9.88 -16.09 4.79
CA ASP A 303 -8.81 -15.79 5.73
C ASP A 303 -8.15 -14.50 5.30
N THR A 304 -7.86 -14.40 4.01
CA THR A 304 -7.20 -13.23 3.45
C THR A 304 -8.04 -11.95 3.53
N ILE A 305 -9.21 -11.97 2.89
CA ILE A 305 -10.09 -10.79 2.90
C ILE A 305 -10.49 -10.32 4.30
N SER A 306 -10.71 -11.25 5.21
CA SER A 306 -11.10 -10.88 6.57
C SER A 306 -9.93 -10.19 7.24
N VAL A 307 -8.71 -10.63 6.92
CA VAL A 307 -7.52 -10.01 7.48
C VAL A 307 -7.48 -8.56 7.00
N GLY A 308 -7.90 -8.33 5.76
CA GLY A 308 -7.93 -6.99 5.22
C GLY A 308 -8.87 -6.11 6.02
N CYS A 309 -10.12 -6.54 6.16
CA CYS A 309 -11.10 -5.78 6.91
C CYS A 309 -10.61 -5.58 8.34
N ALA A 310 -9.91 -6.57 8.89
CA ALA A 310 -9.38 -6.48 10.25
C ALA A 310 -8.33 -5.37 10.37
N ILE A 311 -7.53 -5.19 9.33
CA ILE A 311 -6.49 -4.16 9.32
C ILE A 311 -7.17 -2.80 9.32
N ALA A 312 -8.20 -2.66 8.51
CA ALA A 312 -8.95 -1.42 8.40
C ALA A 312 -9.61 -1.07 9.74
N ARG A 313 -10.22 -2.06 10.38
CA ARG A 313 -10.87 -1.81 11.66
C ARG A 313 -9.89 -1.43 12.74
N CYS A 314 -8.77 -2.16 12.80
CA CYS A 314 -7.78 -1.88 13.82
C CYS A 314 -7.10 -0.54 13.58
N MET A 315 -6.85 -0.22 12.32
CA MET A 315 -6.22 1.06 11.99
C MET A 315 -7.16 2.21 12.31
N MET A 316 -8.44 1.99 12.06
CA MET A 316 -9.45 3.02 12.27
C MET A 316 -10.07 3.10 13.67
N GLY A 317 -9.52 2.38 14.65
CA GLY A 317 -10.06 2.48 15.99
C GLY A 317 -10.46 1.25 16.80
N GLU A 318 -10.71 0.13 16.15
CA GLU A 318 -11.13 -1.09 16.86
C GLU A 318 -10.13 -1.56 17.93
N THR A 319 -10.60 -1.72 19.16
CA THR A 319 -9.76 -2.21 20.25
C THR A 319 -10.40 -3.44 20.88
N LEU A 320 -9.58 -4.29 21.49
CA LEU A 320 -10.07 -5.51 22.12
C LEU A 320 -10.83 -5.22 23.42
N LEU A 321 -10.46 -4.13 24.08
CA LEU A 321 -11.10 -3.73 25.33
C LEU A 321 -11.79 -2.37 25.22
N TYR A 322 -12.25 -1.85 26.35
CA TYR A 322 -12.95 -0.57 26.40
C TYR A 322 -12.09 0.63 26.03
N THR A 323 -12.67 1.55 25.26
CA THR A 323 -11.99 2.77 24.84
C THR A 323 -13.02 3.88 24.72
#